data_1BJG
#
_entry.id   1BJG
#
_cell.length_a   133.000
_cell.length_b   133.000
_cell.length_c   133.000
_cell.angle_alpha   90.00
_cell.angle_beta   90.00
_cell.angle_gamma   90.00
#
_symmetry.space_group_name_H-M   'I 21 3'
#
loop_
_entity.id
_entity.type
_entity.pdbx_description
1 polymer 'THYMIDYLATE SYNTHASE'
2 non-polymer "5-FLUORO-2'-DEOXYURIDINE-5'-MONOPHOSPHATE"
3 non-polymer '5,10-METHYLENE-6-HYDROFOLIC ACID'
4 water water
#
_entity_poly.entity_id   1
_entity_poly.type   'polypeptide(L)'
_entity_poly.pdbx_seq_one_letter_code
;(CXM)KQYLELMQKVLDEGTQKNDRTGTGTLSIFGHQMRFNLQDGFPLVTTKRCHLRSIIHELLWFLQGDTNIAYLHENN
VTIWDEWADENGDLGPVYGKQWRAWPTPDGRHIDQITTVLNQLKNDPDSRRIIVSAWNVGELDKMALAPCHAFFQFYVAD
GKLSCQLYQRSCNVFLGLPFNIASYALLVHMMAQQCDLEVGDFVWTGGDTHLYSNHMDQTHLQLSREPRPLPKLIIKRKP
ESIFDYRFEDFEIEGYDPHPGIKAPVAI
;
_entity_poly.pdbx_strand_id   A
#
# COMPACT_ATOMS: atom_id res chain seq x y z
N LYS A 2 10.68 -13.85 -1.68
CA LYS A 2 10.32 -15.09 -2.35
C LYS A 2 8.99 -15.03 -3.11
N GLN A 3 7.94 -14.52 -2.45
CA GLN A 3 6.62 -14.43 -3.06
C GLN A 3 6.62 -13.41 -4.18
N TYR A 4 7.37 -12.33 -3.99
CA TYR A 4 7.50 -11.24 -4.96
C TYR A 4 8.19 -11.67 -6.26
N LEU A 5 9.36 -12.30 -6.12
CA LEU A 5 10.12 -12.77 -7.30
C LEU A 5 9.30 -13.78 -8.08
N GLU A 6 8.56 -14.60 -7.34
CA GLU A 6 7.71 -15.63 -7.89
C GLU A 6 6.63 -15.01 -8.80
N LEU A 7 6.07 -13.88 -8.37
CA LEU A 7 5.04 -13.20 -9.16
C LEU A 7 5.69 -12.61 -10.41
N MET A 8 6.83 -11.94 -10.24
CA MET A 8 7.54 -11.34 -11.38
C MET A 8 7.76 -12.38 -12.46
N GLN A 9 8.29 -13.53 -12.08
CA GLN A 9 8.53 -14.61 -13.02
C GLN A 9 7.21 -15.02 -13.64
N LYS A 10 6.18 -15.16 -12.81
CA LYS A 10 4.85 -15.54 -13.30
C LYS A 10 4.36 -14.61 -14.40
N VAL A 11 4.48 -13.30 -14.19
CA VAL A 11 4.03 -12.32 -15.18
C VAL A 11 4.87 -12.47 -16.44
N LEU A 12 6.15 -12.74 -16.27
CA LEU A 12 7.04 -12.93 -17.42
C LEU A 12 6.63 -14.13 -18.24
N ASP A 13 6.46 -15.28 -17.58
CA ASP A 13 6.10 -16.51 -18.28
C ASP A 13 4.65 -16.66 -18.70
N GLU A 14 3.73 -16.03 -17.99
CA GLU A 14 2.31 -16.17 -18.32
C GLU A 14 1.57 -14.91 -18.75
N GLY A 15 2.23 -13.76 -18.68
CA GLY A 15 1.57 -12.52 -19.05
C GLY A 15 1.26 -12.40 -20.52
N THR A 16 0.11 -11.80 -20.84
CA THR A 16 -0.30 -11.57 -22.21
C THR A 16 0.04 -10.10 -22.51
N GLN A 17 0.21 -9.75 -23.78
CA GLN A 17 0.55 -8.38 -24.15
C GLN A 17 -0.71 -7.52 -24.09
N LYS A 18 -0.59 -6.36 -23.46
CA LYS A 18 -1.73 -5.46 -23.31
C LYS A 18 -1.15 -4.07 -23.19
N ASN A 19 -1.78 -3.09 -23.81
CA ASN A 19 -1.30 -1.72 -23.73
C ASN A 19 -2.02 -0.94 -22.66
N ASP A 20 -1.34 0.04 -22.07
CA ASP A 20 -1.95 0.88 -21.05
C ASP A 20 -2.47 2.16 -21.71
N ARG A 21 -3.16 2.99 -20.94
CA ARG A 21 -3.73 4.26 -21.43
C ARG A 21 -2.80 5.08 -22.31
N THR A 22 -1.50 5.02 -22.04
CA THR A 22 -0.53 5.76 -22.84
C THR A 22 -0.31 4.96 -24.13
N GLY A 23 0.78 4.24 -24.21
CA GLY A 23 1.05 3.43 -25.39
C GLY A 23 2.02 2.33 -25.03
N THR A 24 2.57 2.40 -23.83
CA THR A 24 3.53 1.41 -23.35
C THR A 24 2.86 0.07 -23.16
N GLY A 25 3.41 -0.94 -23.81
CA GLY A 25 2.87 -2.26 -23.70
C GLY A 25 3.25 -2.82 -22.36
N THR A 26 2.47 -3.80 -21.90
CA THR A 26 2.70 -4.45 -20.62
C THR A 26 2.46 -5.96 -20.77
N LEU A 27 3.03 -6.73 -19.86
CA LEU A 27 2.82 -8.17 -19.84
C LEU A 27 1.88 -8.22 -18.64
N SER A 28 0.66 -8.72 -18.87
CA SER A 28 -0.37 -8.73 -17.84
C SER A 28 -1.06 -10.07 -17.53
N ILE A 29 -1.34 -10.27 -16.24
CA ILE A 29 -2.06 -11.44 -15.76
C ILE A 29 -3.21 -10.86 -14.94
N PHE A 30 -4.30 -11.60 -14.82
CA PHE A 30 -5.45 -11.13 -14.04
C PHE A 30 -5.75 -12.09 -12.91
N GLY A 31 -5.67 -11.58 -11.68
CA GLY A 31 -5.96 -12.41 -10.54
C GLY A 31 -4.75 -13.10 -9.96
N HIS A 32 -4.28 -12.60 -8.82
CA HIS A 32 -3.15 -13.18 -8.15
C HIS A 32 -3.29 -12.86 -6.67
N GLN A 33 -2.85 -13.79 -5.81
CA GLN A 33 -2.95 -13.59 -4.38
C GLN A 33 -1.69 -14.10 -3.70
N MET A 34 -1.13 -13.29 -2.80
CA MET A 34 0.07 -13.64 -2.05
C MET A 34 -0.26 -13.48 -0.57
N ARG A 35 0.49 -14.14 0.29
CA ARG A 35 0.29 -14.04 1.73
C ARG A 35 1.62 -13.81 2.44
N PHE A 36 1.66 -12.81 3.31
CA PHE A 36 2.86 -12.49 4.06
C PHE A 36 2.56 -12.65 5.54
N ASN A 37 3.20 -13.62 6.17
CA ASN A 37 3.03 -13.79 7.61
C ASN A 37 3.86 -12.65 8.17
N LEU A 38 3.19 -11.66 8.76
CA LEU A 38 3.87 -10.51 9.31
C LEU A 38 4.74 -10.87 10.49
N GLN A 39 4.50 -12.04 11.06
CA GLN A 39 5.30 -12.49 12.19
C GLN A 39 6.67 -12.92 11.67
N ASP A 40 6.76 -13.19 10.36
CA ASP A 40 8.02 -13.62 9.72
C ASP A 40 8.99 -12.50 9.36
N GLY A 41 8.62 -11.27 9.64
CA GLY A 41 9.49 -10.16 9.30
C GLY A 41 8.74 -9.15 8.47
N PHE A 42 9.27 -7.93 8.41
CA PHE A 42 8.64 -6.85 7.67
C PHE A 42 8.85 -7.07 6.17
N PRO A 43 7.74 -7.18 5.43
CA PRO A 43 7.76 -7.40 3.98
C PRO A 43 8.27 -6.23 3.13
N LEU A 44 9.54 -5.89 3.29
CA LEU A 44 10.15 -4.83 2.50
C LEU A 44 11.13 -5.52 1.56
N VAL A 45 10.94 -5.34 0.26
CA VAL A 45 11.77 -5.95 -0.78
C VAL A 45 13.28 -5.77 -0.54
N THR A 46 14.02 -6.88 -0.52
CA THR A 46 15.45 -6.84 -0.31
C THR A 46 16.23 -7.02 -1.62
N THR A 47 15.58 -7.53 -2.66
CA THR A 47 16.26 -7.73 -3.94
C THR A 47 16.58 -6.42 -4.66
N LYS A 48 16.24 -5.31 -4.00
CA LYS A 48 16.54 -3.96 -4.50
C LYS A 48 16.26 -3.03 -3.32
N ARG A 49 17.08 -2.00 -3.18
CA ARG A 49 16.92 -1.06 -2.08
C ARG A 49 15.64 -0.22 -2.14
N CYS A 50 14.86 -0.30 -1.07
CA CYS A 50 13.61 0.45 -0.96
C CYS A 50 13.75 1.42 0.21
N HIS A 51 13.16 2.60 0.05
CA HIS A 51 13.22 3.62 1.10
C HIS A 51 11.89 3.77 1.82
N LEU A 52 11.86 3.40 3.10
CA LEU A 52 10.64 3.51 3.91
C LEU A 52 10.16 4.95 4.12
N ARG A 53 11.07 5.91 4.06
CA ARG A 53 10.76 7.33 4.27
C ARG A 53 9.49 7.87 3.60
N SER A 54 9.40 7.75 2.28
CA SER A 54 8.22 8.22 1.56
C SER A 54 6.99 7.42 1.92
N ILE A 55 7.17 6.11 2.09
CA ILE A 55 6.09 5.21 2.46
C ILE A 55 5.43 5.64 3.77
N ILE A 56 6.23 5.90 4.79
CA ILE A 56 5.72 6.33 6.09
C ILE A 56 4.96 7.65 5.99
N HIS A 57 5.56 8.65 5.35
CA HIS A 57 4.91 9.95 5.21
C HIS A 57 3.58 9.88 4.49
N GLU A 58 3.51 9.10 3.41
CA GLU A 58 2.28 8.95 2.67
C GLU A 58 1.18 8.31 3.55
N LEU A 59 1.55 7.27 4.28
CA LEU A 59 0.58 6.60 5.15
C LEU A 59 0.05 7.58 6.20
N LEU A 60 0.95 8.29 6.88
CA LEU A 60 0.54 9.26 7.90
C LEU A 60 -0.31 10.36 7.29
N TRP A 61 -0.03 10.69 6.02
CA TRP A 61 -0.75 11.69 5.27
C TRP A 61 -2.15 11.17 4.97
N PHE A 62 -2.27 9.89 4.60
CA PHE A 62 -3.58 9.28 4.33
C PHE A 62 -4.43 9.36 5.60
N LEU A 63 -3.85 8.96 6.73
CA LEU A 63 -4.54 8.96 8.02
C LEU A 63 -5.06 10.30 8.49
N GLN A 64 -4.50 11.40 7.99
CA GLN A 64 -4.97 12.71 8.41
C GLN A 64 -6.05 13.24 7.48
N GLY A 65 -6.51 12.37 6.58
CA GLY A 65 -7.56 12.76 5.63
C GLY A 65 -7.16 13.89 4.72
N ASP A 66 -5.87 14.13 4.61
CA ASP A 66 -5.34 15.20 3.78
C ASP A 66 -5.25 14.75 2.32
N THR A 67 -5.68 15.60 1.40
CA THR A 67 -5.61 15.30 -0.03
C THR A 67 -4.78 16.33 -0.80
N ASN A 68 -4.20 17.27 -0.07
CA ASN A 68 -3.36 18.30 -0.64
C ASN A 68 -1.93 17.85 -0.34
N ILE A 69 -1.02 17.96 -1.29
CA ILE A 69 0.36 17.50 -1.08
C ILE A 69 1.27 18.35 -0.19
N ALA A 70 0.74 19.42 0.40
CA ALA A 70 1.55 20.29 1.25
C ALA A 70 2.35 19.58 2.34
N TYR A 71 1.69 18.70 3.11
CA TYR A 71 2.37 17.96 4.17
C TYR A 71 3.56 17.20 3.59
N LEU A 72 3.31 16.53 2.46
CA LEU A 72 4.35 15.76 1.80
C LEU A 72 5.50 16.66 1.40
N HIS A 73 5.16 17.85 0.93
CA HIS A 73 6.18 18.80 0.54
C HIS A 73 6.99 19.31 1.71
N GLU A 74 6.33 19.60 2.83
CA GLU A 74 7.01 20.08 4.03
C GLU A 74 8.06 19.06 4.45
N ASN A 75 7.93 17.84 3.95
CA ASN A 75 8.86 16.77 4.26
C ASN A 75 9.62 16.28 3.05
N ASN A 76 9.62 17.07 1.99
CA ASN A 76 10.29 16.74 0.73
C ASN A 76 9.96 15.37 0.16
N VAL A 77 8.67 15.06 0.12
CA VAL A 77 8.20 13.80 -0.45
C VAL A 77 7.47 14.26 -1.71
N THR A 78 7.98 13.83 -2.87
CA THR A 78 7.40 14.26 -4.14
C THR A 78 6.69 13.22 -5.00
N ILE A 79 6.36 12.08 -4.41
CA ILE A 79 5.70 10.99 -5.14
C ILE A 79 4.30 11.32 -5.69
N TRP A 80 3.68 12.37 -5.17
CA TRP A 80 2.35 12.75 -5.63
C TRP A 80 2.35 14.00 -6.51
N ASP A 81 3.52 14.64 -6.62
CA ASP A 81 3.65 15.86 -7.41
C ASP A 81 3.07 15.70 -8.80
N GLU A 82 3.40 14.58 -9.43
CA GLU A 82 2.96 14.26 -10.77
C GLU A 82 1.44 14.39 -10.98
N TRP A 83 0.67 14.11 -9.94
CA TRP A 83 -0.79 14.14 -10.06
C TRP A 83 -1.45 15.39 -9.52
N ALA A 84 -0.78 16.08 -8.62
CA ALA A 84 -1.33 17.28 -8.01
C ALA A 84 -1.60 18.39 -8.99
N ASP A 85 -2.64 19.18 -8.73
CA ASP A 85 -2.98 20.31 -9.60
C ASP A 85 -2.14 21.51 -9.16
N GLU A 86 -2.40 22.66 -9.77
CA GLU A 86 -1.67 23.89 -9.47
C GLU A 86 -1.59 24.18 -7.98
N ASN A 87 -2.69 23.94 -7.26
CA ASN A 87 -2.75 24.21 -5.82
C ASN A 87 -2.25 23.08 -4.93
N GLY A 88 -1.82 21.97 -5.51
CA GLY A 88 -1.36 20.85 -4.71
C GLY A 88 -2.48 19.91 -4.32
N ASP A 89 -3.66 20.11 -4.92
CA ASP A 89 -4.80 19.26 -4.64
C ASP A 89 -4.87 18.08 -5.58
N LEU A 90 -5.28 16.94 -5.04
CA LEU A 90 -5.39 15.70 -5.81
C LEU A 90 -6.85 15.26 -5.99
N GLY A 91 -7.76 15.94 -5.30
CA GLY A 91 -9.16 15.56 -5.38
C GLY A 91 -9.49 14.64 -4.22
N PRO A 92 -10.73 14.18 -4.09
CA PRO A 92 -11.10 13.29 -2.98
C PRO A 92 -10.53 11.87 -3.07
N VAL A 93 -9.21 11.77 -3.06
CA VAL A 93 -8.54 10.47 -3.15
C VAL A 93 -8.49 9.80 -1.77
N TYR A 94 -7.72 8.72 -1.66
CA TYR A 94 -7.56 7.93 -0.43
C TYR A 94 -7.92 8.58 0.91
N GLY A 95 -7.06 9.46 1.40
CA GLY A 95 -7.29 10.11 2.68
C GLY A 95 -8.67 10.63 2.93
N LYS A 96 -9.29 11.21 1.90
CA LYS A 96 -10.63 11.77 1.99
C LYS A 96 -11.66 10.63 2.16
N GLN A 97 -11.52 9.57 1.37
CA GLN A 97 -12.46 8.45 1.47
C GLN A 97 -12.30 7.69 2.78
N TRP A 98 -11.07 7.53 3.22
CA TRP A 98 -10.78 6.82 4.45
C TRP A 98 -11.35 7.52 5.66
N ARG A 99 -11.13 8.83 5.75
CA ARG A 99 -11.56 9.64 6.88
C ARG A 99 -12.87 10.41 6.77
N ALA A 100 -13.39 10.58 5.55
CA ALA A 100 -14.62 11.36 5.38
C ALA A 100 -15.40 11.02 4.12
N TRP A 101 -15.81 9.76 4.00
CA TRP A 101 -16.62 9.31 2.87
C TRP A 101 -17.93 10.10 2.94
N PRO A 102 -18.24 10.90 1.93
CA PRO A 102 -19.47 11.69 1.95
C PRO A 102 -20.72 10.90 1.58
N THR A 103 -21.78 11.08 2.36
CA THR A 103 -23.03 10.38 2.13
C THR A 103 -23.98 11.28 1.35
N PRO A 104 -25.04 10.69 0.75
CA PRO A 104 -25.99 11.51 0.00
C PRO A 104 -26.75 12.50 0.90
N ASP A 105 -26.88 12.15 2.18
CA ASP A 105 -27.59 13.00 3.14
C ASP A 105 -26.72 13.99 3.91
N GLY A 106 -25.50 14.24 3.41
CA GLY A 106 -24.65 15.22 4.04
C GLY A 106 -23.69 14.83 5.13
N ARG A 107 -23.57 13.54 5.41
CA ARG A 107 -22.65 13.09 6.45
C ARG A 107 -21.29 12.72 5.84
N HIS A 108 -20.27 12.64 6.69
CA HIS A 108 -18.93 12.26 6.27
C HIS A 108 -18.52 11.12 7.18
N ILE A 109 -18.43 9.91 6.62
CA ILE A 109 -18.09 8.73 7.41
C ILE A 109 -16.60 8.53 7.60
N ASP A 110 -16.21 8.27 8.84
CA ASP A 110 -14.83 8.04 9.18
C ASP A 110 -14.65 6.54 9.22
N GLN A 111 -14.21 5.97 8.08
CA GLN A 111 -14.02 4.53 7.97
C GLN A 111 -12.87 4.00 8.85
N ILE A 112 -11.85 4.82 9.07
CA ILE A 112 -10.73 4.38 9.91
C ILE A 112 -11.18 4.19 11.36
N THR A 113 -11.93 5.16 11.90
CA THR A 113 -12.44 5.07 13.27
C THR A 113 -13.48 3.94 13.38
N THR A 114 -14.32 3.79 12.37
CA THR A 114 -15.32 2.74 12.37
C THR A 114 -14.60 1.40 12.53
N VAL A 115 -13.52 1.21 11.78
CA VAL A 115 -12.74 -0.01 11.83
C VAL A 115 -12.10 -0.25 13.20
N LEU A 116 -11.57 0.80 13.82
CA LEU A 116 -10.96 0.70 15.16
C LEU A 116 -12.02 0.23 16.15
N ASN A 117 -13.21 0.80 16.05
CA ASN A 117 -14.35 0.44 16.92
C ASN A 117 -14.67 -1.05 16.79
N GLN A 118 -14.85 -1.50 15.55
CA GLN A 118 -15.17 -2.89 15.28
C GLN A 118 -14.12 -3.85 15.83
N LEU A 119 -12.85 -3.57 15.57
CA LEU A 119 -11.78 -4.42 16.03
C LEU A 119 -11.75 -4.55 17.55
N LYS A 120 -12.22 -3.52 18.23
CA LYS A 120 -12.22 -3.54 19.68
C LYS A 120 -13.49 -4.08 20.31
N ASN A 121 -14.63 -3.83 19.67
CA ASN A 121 -15.90 -4.26 20.23
C ASN A 121 -16.56 -5.44 19.52
N ASP A 122 -16.14 -5.73 18.29
CA ASP A 122 -16.71 -6.83 17.52
C ASP A 122 -15.66 -7.40 16.58
N PRO A 123 -14.57 -7.96 17.13
CA PRO A 123 -13.48 -8.53 16.32
C PRO A 123 -13.88 -9.68 15.41
N ASP A 124 -15.00 -10.33 15.72
CA ASP A 124 -15.48 -11.45 14.92
C ASP A 124 -16.24 -11.02 13.67
N SER A 125 -16.45 -9.72 13.54
CA SER A 125 -17.18 -9.20 12.40
C SER A 125 -16.52 -9.57 11.05
N ARG A 126 -17.35 -9.73 10.03
CA ARG A 126 -16.87 -10.05 8.69
C ARG A 126 -17.09 -8.82 7.81
N ARG A 127 -17.38 -7.69 8.43
CA ARG A 127 -17.64 -6.43 7.74
C ARG A 127 -16.60 -5.34 8.08
N ILE A 128 -15.45 -5.73 8.62
CA ILE A 128 -14.43 -4.73 8.98
C ILE A 128 -13.72 -4.35 7.69
N ILE A 129 -14.36 -3.47 6.94
CA ILE A 129 -13.86 -3.05 5.63
C ILE A 129 -13.68 -1.55 5.45
N VAL A 130 -12.65 -1.19 4.67
CA VAL A 130 -12.36 0.19 4.32
C VAL A 130 -12.32 0.22 2.80
N SER A 131 -13.17 1.04 2.19
CA SER A 131 -13.21 1.15 0.74
C SER A 131 -12.90 2.58 0.31
N ALA A 132 -12.06 2.70 -0.71
CA ALA A 132 -11.72 4.01 -1.25
C ALA A 132 -12.41 4.16 -2.60
N TRP A 133 -13.15 3.12 -3.00
CA TRP A 133 -13.83 3.17 -4.28
C TRP A 133 -15.21 3.83 -4.16
N ASN A 134 -15.20 5.16 -4.06
CA ASN A 134 -16.45 5.92 -3.97
C ASN A 134 -16.85 6.26 -5.40
N VAL A 135 -17.74 5.46 -5.98
CA VAL A 135 -18.20 5.64 -7.35
C VAL A 135 -18.64 7.07 -7.70
N GLY A 136 -19.31 7.72 -6.77
CA GLY A 136 -19.81 9.06 -7.02
C GLY A 136 -18.78 10.16 -7.06
N GLU A 137 -17.57 9.88 -6.58
CA GLU A 137 -16.51 10.89 -6.57
C GLU A 137 -15.33 10.58 -7.48
N LEU A 138 -15.41 9.47 -8.22
CA LEU A 138 -14.33 9.07 -9.11
C LEU A 138 -13.94 10.15 -10.11
N ASP A 139 -14.93 10.80 -10.71
CA ASP A 139 -14.68 11.84 -11.70
C ASP A 139 -13.86 13.02 -11.18
N LYS A 140 -13.83 13.22 -9.87
CA LYS A 140 -13.10 14.34 -9.30
C LYS A 140 -11.71 13.99 -8.79
N MET A 141 -11.38 12.70 -8.75
CA MET A 141 -10.08 12.27 -8.25
C MET A 141 -9.00 12.41 -9.32
N ALA A 142 -7.79 12.75 -8.91
CA ALA A 142 -6.68 12.88 -9.86
C ALA A 142 -6.53 11.56 -10.59
N LEU A 143 -6.84 10.46 -9.90
CA LEU A 143 -6.77 9.13 -10.47
C LEU A 143 -7.57 8.17 -9.61
N ALA A 144 -8.20 7.18 -10.24
CA ALA A 144 -8.99 6.20 -9.51
C ALA A 144 -8.05 5.41 -8.63
N PRO A 145 -8.45 5.15 -7.39
CA PRO A 145 -7.59 4.40 -6.47
C PRO A 145 -7.23 3.00 -6.96
N CYS A 146 -5.95 2.64 -6.83
CA CYS A 146 -5.45 1.33 -7.24
C CYS A 146 -5.76 0.36 -6.10
N HIS A 147 -5.23 0.65 -4.92
CA HIS A 147 -5.51 -0.18 -3.75
C HIS A 147 -6.82 0.41 -3.24
N ALA A 148 -7.92 -0.13 -3.76
CA ALA A 148 -9.28 0.35 -3.50
C ALA A 148 -10.13 -0.25 -2.39
N PHE A 149 -9.70 -1.35 -1.81
CA PHE A 149 -10.54 -2.00 -0.84
C PHE A 149 -9.70 -2.90 0.04
N PHE A 150 -9.89 -2.82 1.36
CA PHE A 150 -9.17 -3.71 2.25
C PHE A 150 -10.05 -4.15 3.42
N GLN A 151 -9.83 -5.37 3.88
CA GLN A 151 -10.63 -5.95 4.95
C GLN A 151 -9.77 -6.53 6.06
N PHE A 152 -10.18 -6.33 7.32
CA PHE A 152 -9.47 -6.86 8.47
C PHE A 152 -10.19 -8.10 8.98
N TYR A 153 -9.45 -8.95 9.67
CA TYR A 153 -9.97 -10.21 10.20
C TYR A 153 -9.21 -10.49 11.49
N VAL A 154 -9.91 -10.92 12.54
CA VAL A 154 -9.26 -11.25 13.80
C VAL A 154 -9.50 -12.70 14.13
N ALA A 155 -8.44 -13.40 14.53
CA ALA A 155 -8.53 -14.82 14.89
C ALA A 155 -7.31 -15.19 15.72
N ASP A 156 -7.55 -15.76 16.89
CA ASP A 156 -6.48 -16.17 17.82
C ASP A 156 -5.57 -15.02 18.22
N GLY A 157 -6.16 -13.85 18.49
CA GLY A 157 -5.38 -12.70 18.87
C GLY A 157 -4.50 -12.11 17.79
N LYS A 158 -4.74 -12.52 16.54
CA LYS A 158 -3.96 -12.02 15.42
C LYS A 158 -4.81 -11.24 14.44
N LEU A 159 -4.34 -10.05 14.12
CA LEU A 159 -5.01 -9.18 13.16
C LEU A 159 -4.43 -9.44 11.77
N SER A 160 -5.29 -9.75 10.81
CA SER A 160 -4.89 -9.98 9.43
C SER A 160 -5.59 -8.94 8.57
N CYS A 161 -5.13 -8.76 7.35
CA CYS A 161 -5.73 -7.77 6.47
C CYS A 161 -5.57 -8.21 5.02
N GLN A 162 -6.63 -8.09 4.24
CA GLN A 162 -6.56 -8.44 2.83
C GLN A 162 -6.79 -7.18 2.02
N LEU A 163 -5.90 -6.92 1.06
CA LEU A 163 -6.01 -5.76 0.21
C LEU A 163 -6.34 -6.21 -1.20
N TYR A 164 -7.24 -5.49 -1.85
CA TYR A 164 -7.59 -5.79 -3.23
C TYR A 164 -7.02 -4.61 -4.01
N GLN A 165 -6.11 -4.91 -4.92
CA GLN A 165 -5.49 -3.89 -5.75
C GLN A 165 -5.93 -4.14 -7.18
N ARG A 166 -6.74 -3.23 -7.73
CA ARG A 166 -7.27 -3.35 -9.10
C ARG A 166 -6.23 -3.34 -10.22
N SER A 167 -5.20 -2.51 -10.05
CA SER A 167 -4.13 -2.38 -11.03
C SER A 167 -2.81 -2.40 -10.27
N CYS A 168 -1.84 -3.13 -10.79
CA CYS A 168 -0.57 -3.23 -10.10
C CYS A 168 0.66 -3.29 -10.97
N ASN A 169 1.49 -2.26 -10.87
CA ASN A 169 2.74 -2.20 -11.60
C ASN A 169 3.69 -2.99 -10.70
N VAL A 170 3.91 -4.25 -11.05
CA VAL A 170 4.74 -5.14 -10.26
C VAL A 170 6.11 -4.61 -9.89
N PHE A 171 6.83 -4.09 -10.88
CA PHE A 171 8.18 -3.59 -10.63
C PHE A 171 8.27 -2.28 -9.85
N LEU A 172 7.46 -1.30 -10.22
CA LEU A 172 7.50 0.02 -9.63
C LEU A 172 6.63 0.28 -8.39
N GLY A 173 5.39 -0.19 -8.42
CA GLY A 173 4.49 0.07 -7.32
C GLY A 173 4.27 -0.97 -6.23
N LEU A 174 4.16 -2.23 -6.60
CA LEU A 174 3.92 -3.27 -5.59
C LEU A 174 4.81 -3.26 -4.33
N PRO A 175 6.15 -3.14 -4.47
CA PRO A 175 7.00 -3.12 -3.27
C PRO A 175 6.57 -2.04 -2.29
N PHE A 176 6.16 -0.91 -2.85
CA PHE A 176 5.71 0.23 -2.08
C PHE A 176 4.36 -0.08 -1.41
N ASN A 177 3.43 -0.64 -2.18
CA ASN A 177 2.09 -0.96 -1.66
C ASN A 177 2.10 -2.00 -0.53
N ILE A 178 2.94 -3.02 -0.65
CA ILE A 178 3.03 -4.05 0.37
C ILE A 178 3.49 -3.46 1.71
N ALA A 179 4.62 -2.75 1.69
CA ALA A 179 5.18 -2.14 2.90
C ALA A 179 4.20 -1.15 3.53
N SER A 180 3.53 -0.37 2.69
CA SER A 180 2.56 0.61 3.14
C SER A 180 1.44 -0.08 3.94
N TYR A 181 0.82 -1.10 3.37
CA TYR A 181 -0.25 -1.79 4.08
C TYR A 181 0.23 -2.63 5.27
N ALA A 182 1.46 -3.13 5.20
CA ALA A 182 2.01 -3.91 6.29
C ALA A 182 2.22 -2.99 7.49
N LEU A 183 2.54 -1.74 7.23
CA LEU A 183 2.76 -0.75 8.27
C LEU A 183 1.43 -0.48 8.94
N LEU A 184 0.39 -0.31 8.13
CA LEU A 184 -0.95 -0.04 8.64
C LEU A 184 -1.40 -1.14 9.60
N VAL A 185 -1.13 -2.39 9.25
CA VAL A 185 -1.51 -3.52 10.11
C VAL A 185 -0.81 -3.49 11.47
N HIS A 186 0.47 -3.13 11.47
CA HIS A 186 1.24 -3.04 12.71
C HIS A 186 0.66 -1.93 13.59
N MET A 187 0.34 -0.79 12.98
CA MET A 187 -0.24 0.34 13.71
C MET A 187 -1.60 -0.03 14.31
N MET A 188 -2.48 -0.59 13.49
CA MET A 188 -3.82 -1.01 13.93
C MET A 188 -3.73 -2.04 15.05
N ALA A 189 -2.86 -3.04 14.86
CA ALA A 189 -2.67 -4.09 15.85
C ALA A 189 -2.21 -3.52 17.18
N GLN A 190 -1.26 -2.61 17.15
CA GLN A 190 -0.76 -1.98 18.37
C GLN A 190 -1.89 -1.26 19.10
N GLN A 191 -2.70 -0.52 18.35
CA GLN A 191 -3.81 0.24 18.92
C GLN A 191 -4.94 -0.64 19.47
N CYS A 192 -4.99 -1.89 19.05
CA CYS A 192 -6.02 -2.82 19.51
C CYS A 192 -5.49 -3.95 20.38
N ASP A 193 -4.23 -3.83 20.81
CA ASP A 193 -3.60 -4.83 21.65
C ASP A 193 -3.70 -6.22 21.03
N LEU A 194 -3.43 -6.29 19.72
CA LEU A 194 -3.49 -7.54 18.99
C LEU A 194 -2.12 -7.83 18.39
N GLU A 195 -1.87 -9.10 18.10
CA GLU A 195 -0.62 -9.53 17.49
C GLU A 195 -0.85 -9.38 15.99
N VAL A 196 0.21 -9.23 15.21
CA VAL A 196 0.04 -9.11 13.76
C VAL A 196 -0.08 -10.50 13.16
N GLY A 197 -0.94 -10.62 12.16
CA GLY A 197 -1.15 -11.90 11.52
C GLY A 197 -0.64 -11.87 10.11
N ASP A 198 -1.53 -12.14 9.16
CA ASP A 198 -1.16 -12.17 7.75
C ASP A 198 -1.59 -10.91 7.02
N PHE A 199 -0.85 -10.60 5.95
CA PHE A 199 -1.21 -9.50 5.07
C PHE A 199 -1.40 -10.26 3.77
N VAL A 200 -2.64 -10.35 3.31
CA VAL A 200 -2.95 -11.04 2.06
C VAL A 200 -3.10 -9.99 0.97
N TRP A 201 -2.33 -10.14 -0.10
CA TRP A 201 -2.40 -9.18 -1.20
C TRP A 201 -3.11 -9.83 -2.37
N THR A 202 -4.16 -9.18 -2.87
CA THR A 202 -4.90 -9.67 -4.02
C THR A 202 -4.84 -8.62 -5.11
N GLY A 203 -4.49 -9.01 -6.33
CA GLY A 203 -4.41 -8.05 -7.40
C GLY A 203 -5.30 -8.40 -8.56
N GLY A 204 -5.67 -7.37 -9.31
CA GLY A 204 -6.49 -7.55 -10.49
C GLY A 204 -5.53 -7.61 -11.66
N ASP A 205 -5.47 -6.51 -12.41
CA ASP A 205 -4.57 -6.42 -13.56
C ASP A 205 -3.14 -6.23 -13.03
N THR A 206 -2.40 -7.33 -12.89
CA THR A 206 -1.02 -7.31 -12.40
C THR A 206 -0.10 -7.33 -13.62
N HIS A 207 0.78 -6.33 -13.73
CA HIS A 207 1.61 -6.22 -14.93
C HIS A 207 3.02 -5.66 -14.75
N LEU A 208 3.77 -5.73 -15.85
CA LEU A 208 5.14 -5.23 -15.95
C LEU A 208 5.23 -4.49 -17.27
N TYR A 209 5.75 -3.27 -17.25
CA TYR A 209 5.91 -2.49 -18.47
C TYR A 209 7.00 -3.12 -19.33
N SER A 210 6.80 -3.09 -20.64
CA SER A 210 7.74 -3.67 -21.59
C SER A 210 9.16 -3.11 -21.47
N ASN A 211 9.26 -1.84 -21.08
CA ASN A 211 10.57 -1.20 -20.95
C ASN A 211 11.21 -1.40 -19.57
N HIS A 212 10.78 -2.43 -18.85
CA HIS A 212 11.34 -2.73 -17.54
C HIS A 212 11.83 -4.19 -17.52
N MET A 213 11.95 -4.79 -18.69
CA MET A 213 12.39 -6.19 -18.79
C MET A 213 13.78 -6.47 -18.26
N ASP A 214 14.73 -5.60 -18.60
CA ASP A 214 16.11 -5.77 -18.16
C ASP A 214 16.18 -5.71 -16.63
N GLN A 215 15.56 -4.68 -16.06
CA GLN A 215 15.53 -4.49 -14.62
C GLN A 215 14.88 -5.68 -13.92
N THR A 216 13.87 -6.26 -14.58
CA THR A 216 13.16 -7.42 -14.05
C THR A 216 14.07 -8.63 -14.04
N HIS A 217 14.73 -8.89 -15.16
CA HIS A 217 15.66 -10.02 -15.25
C HIS A 217 16.79 -9.85 -14.23
N LEU A 218 17.30 -8.64 -14.12
CA LEU A 218 18.35 -8.33 -13.17
C LEU A 218 17.90 -8.64 -11.74
N GLN A 219 16.76 -8.10 -11.32
CA GLN A 219 16.27 -8.33 -9.96
C GLN A 219 16.04 -9.82 -9.71
N LEU A 220 15.51 -10.50 -10.72
CA LEU A 220 15.22 -11.93 -10.60
C LEU A 220 16.46 -12.78 -10.37
N SER A 221 17.62 -12.26 -10.71
CA SER A 221 18.85 -13.00 -10.53
C SER A 221 19.40 -12.86 -9.10
N ARG A 222 18.85 -11.90 -8.36
CA ARG A 222 19.30 -11.68 -6.99
C ARG A 222 18.61 -12.61 -6.01
N GLU A 223 19.35 -13.03 -4.99
CA GLU A 223 18.83 -13.90 -3.96
C GLU A 223 18.21 -13.07 -2.85
N PRO A 224 16.95 -13.35 -2.50
CA PRO A 224 16.30 -12.58 -1.43
C PRO A 224 17.04 -12.74 -0.10
N ARG A 225 17.24 -11.63 0.58
CA ARG A 225 17.92 -11.60 1.87
C ARG A 225 16.85 -11.76 2.95
N PRO A 226 17.26 -11.96 4.22
CA PRO A 226 16.25 -12.11 5.26
C PRO A 226 15.48 -10.81 5.43
N LEU A 227 14.21 -10.91 5.81
CA LEU A 227 13.38 -9.74 6.00
C LEU A 227 13.76 -8.99 7.27
N PRO A 228 13.66 -7.66 7.24
CA PRO A 228 14.01 -6.82 8.41
C PRO A 228 12.93 -6.93 9.49
N LYS A 229 13.03 -6.07 10.50
CA LYS A 229 12.09 -6.07 11.59
C LYS A 229 11.64 -4.64 11.85
N LEU A 230 10.33 -4.42 11.96
CA LEU A 230 9.78 -3.10 12.20
C LEU A 230 9.70 -2.80 13.69
N ILE A 231 10.27 -1.67 14.09
CA ILE A 231 10.31 -1.25 15.49
C ILE A 231 9.44 0.00 15.67
N ILE A 232 8.48 -0.06 16.59
CA ILE A 232 7.64 1.10 16.85
C ILE A 232 8.05 1.66 18.20
N LYS A 233 8.88 2.70 18.17
CA LYS A 233 9.42 3.37 19.35
C LYS A 233 8.45 3.63 20.50
N ARG A 234 7.22 4.00 20.18
CA ARG A 234 6.23 4.28 21.21
C ARG A 234 4.82 3.98 20.76
N LYS A 235 3.92 3.87 21.72
CA LYS A 235 2.52 3.60 21.43
C LYS A 235 1.77 4.92 21.60
N PRO A 236 1.34 5.53 20.48
CA PRO A 236 0.60 6.80 20.49
C PRO A 236 -0.75 6.70 21.18
N GLU A 237 -1.39 7.85 21.34
CA GLU A 237 -2.69 7.95 21.98
C GLU A 237 -3.77 7.31 21.11
N SER A 238 -3.71 7.61 19.82
CA SER A 238 -4.66 7.08 18.88
C SER A 238 -3.93 6.81 17.58
N ILE A 239 -4.64 6.18 16.64
CA ILE A 239 -4.09 5.84 15.33
C ILE A 239 -3.67 7.10 14.58
N PHE A 240 -4.28 8.22 14.94
CA PHE A 240 -3.99 9.51 14.31
C PHE A 240 -2.84 10.27 14.97
N ASP A 241 -2.17 9.64 15.94
CA ASP A 241 -1.07 10.29 16.65
C ASP A 241 0.34 9.77 16.37
N TYR A 242 0.52 9.02 15.29
CA TYR A 242 1.83 8.49 14.96
C TYR A 242 2.71 9.57 14.36
N ARG A 243 4.01 9.42 14.54
CA ARG A 243 4.99 10.36 14.02
C ARG A 243 6.07 9.60 13.28
N PHE A 244 6.57 10.19 12.21
CA PHE A 244 7.60 9.57 11.39
C PHE A 244 8.71 8.91 12.20
N GLU A 245 9.19 9.61 13.22
CA GLU A 245 10.27 9.11 14.05
C GLU A 245 9.93 7.88 14.91
N ASP A 246 8.63 7.62 15.09
CA ASP A 246 8.19 6.49 15.88
C ASP A 246 8.55 5.12 15.29
N PHE A 247 8.86 5.08 14.01
CA PHE A 247 9.19 3.83 13.34
C PHE A 247 10.68 3.71 13.09
N GLU A 248 11.17 2.49 13.12
CA GLU A 248 12.59 2.22 12.88
C GLU A 248 12.66 0.82 12.31
N ILE A 249 13.38 0.65 11.21
CA ILE A 249 13.52 -0.67 10.61
C ILE A 249 14.89 -1.25 10.99
N GLU A 250 14.87 -2.46 11.52
CA GLU A 250 16.06 -3.14 11.97
C GLU A 250 16.42 -4.35 11.12
N GLY A 251 17.70 -4.47 10.76
CA GLY A 251 18.18 -5.59 9.96
C GLY A 251 17.85 -5.62 8.48
N TYR A 252 17.87 -4.45 7.84
CA TYR A 252 17.57 -4.34 6.43
C TYR A 252 18.86 -4.19 5.63
N ASP A 253 19.18 -5.23 4.88
CA ASP A 253 20.39 -5.24 4.06
C ASP A 253 20.01 -5.71 2.65
N PRO A 254 19.47 -4.79 1.84
CA PRO A 254 19.04 -5.09 0.48
C PRO A 254 20.16 -5.03 -0.56
N HIS A 255 19.83 -5.43 -1.78
CA HIS A 255 20.79 -5.37 -2.87
C HIS A 255 20.68 -3.94 -3.38
N PRO A 256 21.58 -3.52 -4.29
CA PRO A 256 21.52 -2.16 -4.80
C PRO A 256 20.17 -1.80 -5.40
N GLY A 257 19.87 -0.51 -5.42
CA GLY A 257 18.61 -0.05 -5.98
C GLY A 257 18.61 -0.24 -7.49
N ILE A 258 17.44 -0.20 -8.09
CA ILE A 258 17.30 -0.36 -9.53
C ILE A 258 16.35 0.70 -10.07
N LYS A 259 16.82 1.50 -11.00
CA LYS A 259 16.00 2.54 -11.59
C LYS A 259 15.03 1.94 -12.60
N ALA A 260 13.88 2.57 -12.71
CA ALA A 260 12.85 2.13 -13.64
C ALA A 260 12.27 3.37 -14.31
N PRO A 261 12.75 3.69 -15.51
CA PRO A 261 12.22 4.87 -16.19
C PRO A 261 10.83 4.60 -16.74
N VAL A 262 10.02 5.64 -16.82
CA VAL A 262 8.65 5.52 -17.34
C VAL A 262 8.53 6.40 -18.56
N ALA A 263 7.68 5.99 -19.49
CA ALA A 263 7.43 6.79 -20.69
C ALA A 263 6.41 7.85 -20.28
N ILE A 264 6.24 8.87 -21.10
CA ILE A 264 5.26 9.91 -20.80
C ILE A 264 4.31 10.11 -21.97
#